data_1JID
#
_entry.id   1JID
#
_cell.length_a   55.813
_cell.length_b   109.782
_cell.length_c   89.461
_cell.angle_alpha   90.00
_cell.angle_beta   90.00
_cell.angle_gamma   90.00
#
_symmetry.space_group_name_H-M   'C 2 2 21'
#
loop_
_entity.id
_entity.type
_entity.pdbx_description
1 polymer 'HELIX 6 OF HUMAN SRP RNA'
2 polymer 'SIGNAL RECOGNITION PARTICLE 19 KDA PROTEIN'
3 non-polymer 'MAGNESIUM ION'
4 water water
#
loop_
_entity_poly.entity_id
_entity_poly.type
_entity_poly.pdbx_seq_one_letter_code
_entity_poly.pdbx_strand_id
1 'polyribonucleotide' GG(5BU)GACC(5BU)CCCGGGAGCGGGGGACCACU(A23) B
2 'polypeptide(L)'
;MACAAARSPADQDRFICIYPAYLNNKKTIAEGRRIPISKAVENPTATEIQDVCSAVGLNVFLEKNKMYSREWNRDVQYRG
RVRVQLKQEDGSLCLVQFPSRKSVMLYAAEMIPKLKTRTQLEHHHHHH
;
A
#
# COMPACT_ATOMS: atom_id res chain seq x y z
N ALA B 5 -11.21 -22.84 -6.21
CA ALA B 5 -11.63 -21.40 -6.11
C ALA B 5 -10.84 -20.51 -7.12
N ALA B 6 -11.22 -19.23 -7.22
CA ALA B 6 -10.53 -18.28 -8.13
C ALA B 6 -9.27 -17.73 -7.38
N ARG B 7 -8.09 -18.25 -7.74
CA ARG B 7 -6.87 -17.89 -7.05
C ARG B 7 -5.73 -17.42 -7.93
N SER B 8 -6.03 -16.82 -9.08
CA SER B 8 -4.91 -16.34 -9.88
C SER B 8 -4.52 -14.98 -9.33
N PRO B 9 -3.36 -14.46 -9.76
CA PRO B 9 -2.94 -13.13 -9.28
C PRO B 9 -3.88 -12.01 -9.77
N ALA B 10 -4.78 -12.30 -10.73
CA ALA B 10 -5.71 -11.27 -11.27
C ALA B 10 -7.03 -11.27 -10.49
N ASP B 11 -7.21 -12.26 -9.60
CA ASP B 11 -8.43 -12.31 -8.77
C ASP B 11 -8.18 -11.42 -7.58
N GLN B 12 -9.19 -10.60 -7.26
CA GLN B 12 -9.03 -9.62 -6.17
C GLN B 12 -8.56 -10.18 -4.85
N ASP B 13 -8.91 -11.42 -4.56
CA ASP B 13 -8.47 -11.98 -3.29
C ASP B 13 -6.99 -12.26 -3.23
N ARG B 14 -6.33 -12.30 -4.39
CA ARG B 14 -4.90 -12.50 -4.41
C ARG B 14 -4.10 -11.18 -4.61
N PHE B 15 -4.77 -10.02 -4.65
CA PHE B 15 -4.05 -8.74 -4.75
C PHE B 15 -3.22 -8.58 -3.44
N ILE B 16 -2.04 -7.97 -3.55
CA ILE B 16 -1.15 -7.75 -2.40
C ILE B 16 -1.72 -6.70 -1.49
N CYS B 17 -1.32 -6.70 -0.22
CA CYS B 17 -1.88 -5.70 0.68
C CYS B 17 -0.87 -4.68 1.11
N ILE B 18 -1.31 -3.43 1.22
CA ILE B 18 -0.45 -2.40 1.78
C ILE B 18 -1.25 -1.70 2.88
N TYR B 19 -0.75 -1.72 4.10
CA TYR B 19 -1.40 -0.97 5.17
C TYR B 19 -0.56 0.32 5.37
N PRO B 20 -1.19 1.42 5.80
CA PRO B 20 -0.51 2.69 6.05
C PRO B 20 0.72 2.54 6.99
N ALA B 21 0.59 1.67 7.98
CA ALA B 21 1.67 1.48 8.94
C ALA B 21 2.99 1.08 8.25
N TYR B 22 2.92 0.34 7.14
CA TYR B 22 4.14 -0.08 6.45
C TYR B 22 5.01 1.11 5.99
N LEU B 23 4.39 2.25 5.73
CA LEU B 23 5.16 3.39 5.17
C LEU B 23 5.35 4.55 6.16
N ASN B 24 4.92 4.35 7.41
CA ASN B 24 4.91 5.42 8.40
C ASN B 24 6.28 5.66 9.05
N ASN B 25 6.84 6.85 8.86
CA ASN B 25 8.18 7.08 9.42
C ASN B 25 8.25 7.24 10.92
N LYS B 26 7.11 7.23 11.60
CA LYS B 26 7.17 7.30 13.05
C LYS B 26 6.95 5.93 13.73
N LYS B 27 6.92 4.86 12.95
CA LYS B 27 6.72 3.54 13.54
C LYS B 27 8.01 2.75 13.46
N THR B 28 8.19 1.82 14.40
CA THR B 28 9.34 0.97 14.38
C THR B 28 8.99 -0.23 13.45
N ILE B 29 9.99 -1.08 13.25
CA ILE B 29 9.77 -2.29 12.48
C ILE B 29 8.75 -3.17 13.21
N ALA B 30 8.89 -3.28 14.52
CA ALA B 30 7.95 -4.12 15.30
C ALA B 30 6.53 -3.58 15.10
N GLU B 31 6.41 -2.27 14.94
CA GLU B 31 5.06 -1.72 14.79
C GLU B 31 4.52 -1.93 13.38
N GLY B 32 5.35 -2.44 12.48
CA GLY B 32 4.85 -2.66 11.12
C GLY B 32 5.53 -1.93 9.97
N ARG B 33 6.45 -1.00 10.26
CA ARG B 33 7.12 -0.27 9.16
C ARG B 33 7.92 -1.25 8.29
N ARG B 34 7.74 -1.12 6.98
CA ARG B 34 8.39 -2.04 6.04
C ARG B 34 9.48 -1.39 5.18
N ILE B 35 9.61 -0.07 5.22
CA ILE B 35 10.66 0.56 4.40
C ILE B 35 11.53 1.39 5.30
N PRO B 36 12.79 1.69 4.86
CA PRO B 36 13.66 2.48 5.72
C PRO B 36 13.08 3.79 6.16
N ILE B 37 13.50 4.25 7.33
CA ILE B 37 13.02 5.52 7.83
C ILE B 37 13.33 6.64 6.83
N SER B 38 14.50 6.59 6.21
CA SER B 38 14.87 7.66 5.29
C SER B 38 13.82 7.80 4.19
N LYS B 39 13.24 6.69 3.74
CA LYS B 39 12.26 6.76 2.68
C LYS B 39 10.79 6.84 3.07
N ALA B 40 10.52 6.54 4.34
CA ALA B 40 9.19 6.53 4.88
C ALA B 40 8.60 7.95 5.01
N VAL B 41 7.28 8.04 5.20
CA VAL B 41 6.63 9.34 5.28
C VAL B 41 5.83 9.58 6.54
N GLU B 42 5.46 10.82 6.82
CA GLU B 42 4.71 11.04 8.05
C GLU B 42 3.24 10.90 7.84
N ASN B 43 2.60 10.21 8.79
CA ASN B 43 1.16 9.97 8.80
C ASN B 43 0.50 9.58 7.43
N PRO B 44 1.08 8.63 6.66
CA PRO B 44 0.42 8.29 5.37
C PRO B 44 -0.99 7.73 5.59
N THR B 45 -1.92 8.00 4.68
CA THR B 45 -3.25 7.42 4.88
C THR B 45 -3.51 6.45 3.73
N ALA B 46 -4.46 5.55 3.94
CA ALA B 46 -4.79 4.54 2.93
C ALA B 46 -5.29 5.25 1.67
N THR B 47 -6.02 6.35 1.87
CA THR B 47 -6.54 7.11 0.71
C THR B 47 -5.44 7.70 -0.13
N GLU B 48 -4.42 8.25 0.52
CA GLU B 48 -3.27 8.80 -0.21
C GLU B 48 -2.57 7.66 -0.93
N ILE B 49 -2.42 6.50 -0.28
CA ILE B 49 -1.73 5.37 -0.96
C ILE B 49 -2.51 4.96 -2.23
N GLN B 50 -3.82 4.83 -2.09
CA GLN B 50 -4.67 4.46 -3.22
C GLN B 50 -4.50 5.45 -4.38
N ASP B 51 -4.50 6.73 -4.03
CA ASP B 51 -4.38 7.76 -5.03
C ASP B 51 -3.08 7.74 -5.80
N VAL B 52 -1.94 7.61 -5.11
CA VAL B 52 -0.71 7.63 -5.84
C VAL B 52 -0.54 6.35 -6.60
N CYS B 53 -1.05 5.23 -6.08
CA CYS B 53 -0.87 3.97 -6.79
C CYS B 53 -1.78 3.93 -8.04
N SER B 54 -3.01 4.36 -7.85
CA SER B 54 -3.94 4.38 -8.97
C SER B 54 -3.39 5.31 -10.06
N ALA B 55 -2.77 6.42 -9.65
CA ALA B 55 -2.27 7.40 -10.64
C ALA B 55 -1.20 6.85 -11.55
N VAL B 56 -0.39 5.92 -11.04
CA VAL B 56 0.71 5.37 -11.83
C VAL B 56 0.29 4.20 -12.72
N GLY B 57 -1.00 3.91 -12.75
CA GLY B 57 -1.46 2.85 -13.64
C GLY B 57 -1.66 1.48 -12.99
N LEU B 58 -1.45 1.35 -11.67
CA LEU B 58 -1.68 0.06 -10.99
C LEU B 58 -3.17 -0.11 -10.76
N ASN B 59 -3.66 -1.36 -10.81
CA ASN B 59 -5.06 -1.64 -10.57
C ASN B 59 -5.15 -1.80 -9.09
N VAL B 60 -5.89 -0.91 -8.42
CA VAL B 60 -5.94 -1.01 -6.97
C VAL B 60 -7.30 -0.77 -6.42
N PHE B 61 -7.54 -1.23 -5.22
CA PHE B 61 -8.81 -0.87 -4.61
C PHE B 61 -8.59 -0.66 -3.13
N LEU B 62 -9.41 0.21 -2.56
CA LEU B 62 -9.29 0.59 -1.16
C LEU B 62 -10.35 -0.07 -0.29
N GLU B 63 -9.91 -0.70 0.78
CA GLU B 63 -10.83 -1.29 1.77
C GLU B 63 -10.72 -0.27 2.93
N LYS B 64 -11.59 0.75 2.92
CA LYS B 64 -11.53 1.82 3.91
C LYS B 64 -11.55 1.46 5.37
N ASN B 65 -12.26 0.39 5.72
CA ASN B 65 -12.37 0.04 7.14
C ASN B 65 -11.60 -1.12 7.67
N LYS B 66 -10.73 -1.72 6.84
CA LYS B 66 -9.90 -2.83 7.35
C LYS B 66 -8.87 -2.22 8.30
N MET B 67 -8.51 -2.93 9.37
CA MET B 67 -7.54 -2.41 10.33
C MET B 67 -6.33 -3.30 10.40
N TYR B 68 -5.20 -2.74 10.80
CA TYR B 68 -3.96 -3.49 10.88
C TYR B 68 -3.90 -4.17 12.25
N SER B 69 -3.58 -5.47 12.24
CA SER B 69 -3.56 -6.22 13.49
C SER B 69 -2.62 -5.68 14.55
N ARG B 70 -1.51 -5.04 14.17
CA ARG B 70 -0.57 -4.58 15.21
C ARG B 70 -1.01 -3.23 15.83
N GLU B 71 -2.06 -2.64 15.30
CA GLU B 71 -2.53 -1.36 15.83
C GLU B 71 -3.70 -1.57 16.81
N TRP B 72 -3.57 -1.20 18.10
CA TRP B 72 -4.70 -1.43 19.05
C TRP B 72 -5.85 -0.39 18.97
N ASN B 73 -5.54 0.81 18.52
CA ASN B 73 -6.50 1.90 18.35
C ASN B 73 -7.37 1.75 17.06
N ARG B 74 -8.68 1.61 17.23
CA ARG B 74 -9.59 1.42 16.11
C ARG B 74 -10.19 2.68 15.48
N ASP B 75 -9.69 3.86 15.85
CA ASP B 75 -10.23 5.07 15.26
C ASP B 75 -10.08 5.14 13.75
N VAL B 76 -10.98 5.87 13.11
CA VAL B 76 -10.98 5.99 11.67
C VAL B 76 -9.65 6.39 11.07
N GLN B 77 -8.90 7.26 11.78
CA GLN B 77 -7.62 7.68 11.22
C GLN B 77 -6.61 6.52 11.05
N TYR B 78 -6.77 5.44 11.81
CA TYR B 78 -5.85 4.31 11.69
C TYR B 78 -6.33 3.25 10.71
N ARG B 79 -7.48 3.44 10.12
CA ARG B 79 -8.06 2.45 9.23
C ARG B 79 -7.73 2.57 7.76
N GLY B 80 -7.84 1.43 7.07
CA GLY B 80 -7.65 1.43 5.64
C GLY B 80 -6.51 0.53 5.19
N ARG B 81 -6.75 -0.13 4.09
CA ARG B 81 -5.77 -1.08 3.52
C ARG B 81 -5.98 -0.93 2.04
N VAL B 82 -4.89 -0.97 1.26
CA VAL B 82 -5.02 -0.83 -0.18
C VAL B 82 -4.60 -2.19 -0.78
N ARG B 83 -5.37 -2.70 -1.75
CA ARG B 83 -5.06 -3.96 -2.42
C ARG B 83 -4.52 -3.59 -3.77
N VAL B 84 -3.43 -4.24 -4.18
CA VAL B 84 -2.78 -3.90 -5.44
C VAL B 84 -2.54 -5.15 -6.29
N GLN B 85 -2.95 -5.11 -7.56
CA GLN B 85 -2.69 -6.20 -8.45
C GLN B 85 -1.23 -6.09 -8.97
N LEU B 86 -0.41 -7.10 -8.73
CA LEU B 86 0.98 -7.07 -9.20
C LEU B 86 1.17 -7.86 -10.49
N LYS B 87 0.39 -8.92 -10.62
CA LYS B 87 0.54 -9.84 -11.74
C LYS B 87 -0.74 -10.16 -12.47
N GLN B 88 -0.55 -10.56 -13.73
CA GLN B 88 -1.64 -10.93 -14.61
C GLN B 88 -2.01 -12.36 -14.32
N GLU B 89 -3.11 -12.81 -14.91
CA GLU B 89 -3.55 -14.18 -14.67
C GLU B 89 -2.44 -15.17 -14.94
N ASP B 90 -1.67 -14.93 -16.00
CA ASP B 90 -0.59 -15.85 -16.35
C ASP B 90 0.69 -15.65 -15.55
N GLY B 91 0.62 -14.84 -14.51
CA GLY B 91 1.82 -14.66 -13.67
C GLY B 91 2.82 -13.57 -14.08
N SER B 92 2.66 -12.99 -15.26
CA SER B 92 3.59 -11.93 -15.68
C SER B 92 3.20 -10.62 -14.99
N LEU B 93 4.18 -9.74 -14.86
CA LEU B 93 3.95 -8.44 -14.20
C LEU B 93 2.95 -7.54 -14.90
N CYS B 94 2.11 -6.87 -14.11
CA CYS B 94 1.20 -5.91 -14.70
C CYS B 94 2.06 -4.73 -15.25
N LEU B 95 3.06 -4.32 -14.49
CA LEU B 95 3.98 -3.21 -14.81
C LEU B 95 5.41 -3.54 -14.45
N VAL B 96 6.31 -3.43 -15.43
CA VAL B 96 7.70 -3.80 -15.16
C VAL B 96 8.29 -3.01 -14.03
N GLN B 97 7.77 -1.80 -13.85
CA GLN B 97 8.21 -0.88 -12.81
C GLN B 97 7.88 -1.44 -11.39
N PHE B 98 6.92 -2.37 -11.30
CA PHE B 98 6.49 -2.90 -10.02
C PHE B 98 6.52 -4.42 -9.94
N PRO B 99 7.71 -4.98 -9.75
CA PRO B 99 7.95 -6.42 -9.65
C PRO B 99 7.61 -6.93 -8.27
N SER B 100 7.45 -6.04 -7.30
CA SER B 100 7.26 -6.51 -5.90
C SER B 100 6.46 -5.61 -5.01
N ARG B 101 6.04 -6.14 -3.86
CA ARG B 101 5.33 -5.31 -2.89
C ARG B 101 6.25 -4.15 -2.46
N LYS B 102 7.53 -4.46 -2.26
CA LYS B 102 8.45 -3.43 -1.81
C LYS B 102 8.50 -2.28 -2.81
N SER B 103 8.53 -2.62 -4.09
CA SER B 103 8.63 -1.59 -5.14
C SER B 103 7.45 -0.65 -5.08
N VAL B 104 6.26 -1.17 -4.78
CA VAL B 104 5.06 -0.36 -4.68
C VAL B 104 5.12 0.50 -3.41
N MET B 105 5.58 -0.08 -2.30
CA MET B 105 5.69 0.70 -1.09
C MET B 105 6.65 1.88 -1.24
N LEU B 106 7.81 1.65 -1.83
CA LEU B 106 8.77 2.74 -1.97
C LEU B 106 8.19 3.82 -2.90
N TYR B 107 7.54 3.39 -3.97
CA TYR B 107 6.94 4.35 -4.87
C TYR B 107 5.90 5.22 -4.18
N ALA B 108 4.92 4.61 -3.50
CA ALA B 108 3.92 5.40 -2.83
C ALA B 108 4.60 6.34 -1.83
N ALA B 109 5.60 5.85 -1.10
CA ALA B 109 6.25 6.70 -0.10
C ALA B 109 6.91 7.92 -0.77
N GLU B 110 7.45 7.70 -1.95
CA GLU B 110 8.08 8.77 -2.71
C GLU B 110 7.07 9.81 -3.17
N MET B 111 5.91 9.38 -3.64
CA MET B 111 4.91 10.29 -4.18
C MET B 111 4.01 11.02 -3.25
N ILE B 112 3.69 10.39 -2.12
CA ILE B 112 2.77 10.97 -1.18
C ILE B 112 3.19 12.39 -0.71
N PRO B 113 4.49 12.63 -0.40
CA PRO B 113 4.81 14.00 0.03
C PRO B 113 4.61 15.03 -1.10
N LYS B 114 4.56 14.54 -2.34
CA LYS B 114 4.36 15.43 -3.49
C LYS B 114 2.91 15.70 -3.81
N LEU B 115 1.98 15.12 -3.06
CA LEU B 115 0.57 15.38 -3.30
C LEU B 115 0.29 16.88 -3.07
N LYS B 116 -0.40 17.49 -4.05
CA LYS B 116 -0.73 18.92 -3.98
C LYS B 116 -1.40 19.10 -2.63
N THR B 117 -2.19 18.11 -2.22
CA THR B 117 -2.88 18.21 -0.94
C THR B 117 -1.99 18.24 0.31
N ARG B 118 -0.69 17.99 0.16
CA ARG B 118 0.22 18.07 1.29
C ARG B 118 1.15 19.29 1.06
#